data_7P2W
#
_entry.id   7P2W
#
_cell.length_a   49.820
_cell.length_b   52.620
_cell.length_c   81.460
_cell.angle_alpha   90.000
_cell.angle_beta   90.000
_cell.angle_gamma   90.000
#
_symmetry.space_group_name_H-M   'P 21 21 21'
#
loop_
_entity.id
_entity.type
_entity.pdbx_description
1 polymer 'DNA gyrase subunit B'
2 non-polymer '2-[[3,4-bis(chloranyl)-5-methyl-1H-pyrrol-2-yl]carbonylamino]-4-[(3-carboxyphenyl)methoxy]-1,3-benzothiazole-6-carboxylic acid'
3 non-polymer 2-AMINO-2-HYDROXYMETHYL-PROPANE-1,3-DIOL
4 non-polymer 'MAGNESIUM ION'
5 water water
#
_entity_poly.entity_id   1
_entity_poly.type   'polypeptide(L)'
_entity_poly.pdbx_seq_one_letter_code
;MSNSYDSSSIKVLKGLDAVRKRPGMYIGDTDDGTGLHHMVFEVVDNAIDEALAGHCKEIIVTIHADNSVSVQDDGRGIPT
GIHPEEGVSAAEVIMTVLHAGGKFDDNSYKVSGGLHGVGVSVVNALSQKLELVIQREGKIHRQIYEHGVPQAPLAVTGET
EKTGTMVRFWPSLETFTNVTEFEYEILAKRLRELSFLNSGVSIRLRDKRDGKEDHFHYEG
;
_entity_poly.pdbx_strand_id   A
#
loop_
_chem_comp.id
_chem_comp.type
_chem_comp.name
_chem_comp.formula
4QR non-polymer '2-[[3,4-bis(chloranyl)-5-methyl-1H-pyrrol-2-yl]carbonylamino]-4-[(3-carboxyphenyl)methoxy]-1,3-benzothiazole-6-carboxylic acid' 'C22 H15 Cl2 N3 O6 S'
MG non-polymer 'MAGNESIUM ION' 'Mg 2'
TRS non-polymer 2-AMINO-2-HYDROXYMETHYL-PROPANE-1,3-DIOL 'C4 H12 N O3 1'
#
# COMPACT_ATOMS: atom_id res chain seq x y z
N LYS A 14 6.72 -7.36 17.04
CA LYS A 14 8.10 -7.88 16.73
C LYS A 14 8.38 -7.71 15.23
N GLY A 15 7.40 -8.03 14.36
CA GLY A 15 7.56 -7.99 12.91
C GLY A 15 7.93 -6.59 12.43
N LEU A 16 7.08 -5.60 12.70
CA LEU A 16 7.28 -4.22 12.19
C LEU A 16 8.61 -3.68 12.72
N ASP A 17 8.93 -3.98 13.98
CA ASP A 17 10.19 -3.55 14.65
C ASP A 17 11.39 -4.00 13.81
N ALA A 18 11.35 -5.24 13.31
CA ALA A 18 12.45 -5.84 12.51
C ALA A 18 12.59 -5.05 11.22
N VAL A 19 11.47 -4.66 10.62
CA VAL A 19 11.47 -3.88 9.36
C VAL A 19 12.09 -2.48 9.63
N ARG A 20 11.67 -1.83 10.72
CA ARG A 20 12.18 -0.49 11.09
C ARG A 20 13.68 -0.58 11.27
N LYS A 21 14.17 -1.63 11.93
CA LYS A 21 15.62 -1.82 12.22
C LYS A 21 16.44 -2.17 10.99
N ARG A 22 15.89 -2.96 10.06
CA ARG A 22 16.64 -3.48 8.89
C ARG A 22 15.82 -3.26 7.61
N PRO A 23 15.45 -2.00 7.28
CA PRO A 23 14.58 -1.71 6.14
C PRO A 23 15.18 -2.18 4.82
N GLY A 24 16.51 -2.06 4.72
CA GLY A 24 17.31 -2.56 3.59
C GLY A 24 16.91 -3.97 3.17
N MET A 25 16.71 -4.86 4.14
CA MET A 25 16.37 -6.29 3.89
C MET A 25 15.01 -6.43 3.22
N TYR A 26 14.14 -5.44 3.34
CA TYR A 26 12.72 -5.55 2.91
C TYR A 26 12.46 -4.73 1.64
N ILE A 27 13.06 -3.54 1.54
CA ILE A 27 12.59 -2.54 0.54
C ILE A 27 13.73 -2.08 -0.35
N GLY A 28 14.99 -2.31 0.05
CA GLY A 28 16.17 -1.85 -0.70
C GLY A 28 16.68 -0.52 -0.21
N ASP A 29 17.64 0.05 -0.94
CA ASP A 29 18.46 1.19 -0.50
C ASP A 29 17.54 2.37 -0.11
N THR A 30 17.71 2.84 1.12
CA THR A 30 16.90 3.89 1.78
C THR A 30 17.51 5.28 1.53
N ASP A 31 18.62 5.35 0.77
CA ASP A 31 19.35 6.62 0.53
C ASP A 31 19.30 7.05 -0.95
N ASP A 32 19.08 6.15 -1.89
CA ASP A 32 19.29 6.48 -3.33
C ASP A 32 17.96 6.45 -4.07
N GLY A 33 16.82 6.45 -3.35
CA GLY A 33 15.47 6.46 -3.95
C GLY A 33 14.93 5.09 -4.28
N THR A 34 15.75 4.02 -4.29
CA THR A 34 15.33 2.64 -4.65
C THR A 34 14.23 2.17 -3.68
N GLY A 35 14.53 2.11 -2.40
CA GLY A 35 13.55 1.73 -1.36
C GLY A 35 12.31 2.59 -1.43
N LEU A 36 12.48 3.90 -1.55
CA LEU A 36 11.35 4.86 -1.56
C LEU A 36 10.36 4.48 -2.67
N HIS A 37 10.83 4.19 -3.89
CA HIS A 37 9.92 3.79 -4.99
C HIS A 37 9.38 2.37 -4.76
N HIS A 38 10.19 1.49 -4.18
CA HIS A 38 9.75 0.11 -3.86
C HIS A 38 8.53 0.14 -2.92
N MET A 39 8.44 1.17 -2.07
CA MET A 39 7.28 1.35 -1.17
C MET A 39 6.03 1.42 -2.02
N VAL A 40 6.04 2.24 -3.06
CA VAL A 40 4.86 2.35 -3.96
C VAL A 40 4.61 0.98 -4.61
N PHE A 41 5.66 0.35 -5.12
CA PHE A 41 5.55 -0.93 -5.86
C PHE A 41 4.88 -2.01 -4.97
N GLU A 42 5.22 -2.11 -3.68
N GLU A 42 5.24 -2.07 -3.68
CA GLU A 42 4.62 -3.14 -2.78
CA GLU A 42 4.70 -3.06 -2.71
C GLU A 42 3.12 -2.87 -2.68
C GLU A 42 3.18 -2.86 -2.56
N VAL A 43 2.70 -1.61 -2.52
CA VAL A 43 1.25 -1.32 -2.39
C VAL A 43 0.56 -1.65 -3.72
N VAL A 44 1.14 -1.22 -4.83
CA VAL A 44 0.53 -1.48 -6.16
C VAL A 44 0.43 -2.99 -6.39
N ASP A 45 1.45 -3.76 -6.01
CA ASP A 45 1.47 -5.23 -6.24
C ASP A 45 0.25 -5.85 -5.56
N ASN A 46 -0.15 -5.33 -4.39
CA ASN A 46 -1.27 -5.95 -3.63
C ASN A 46 -2.59 -5.59 -4.33
N ALA A 47 -2.67 -4.41 -4.95
CA ALA A 47 -3.80 -4.02 -5.81
C ALA A 47 -3.83 -4.91 -7.04
N ILE A 48 -2.66 -5.15 -7.65
CA ILE A 48 -2.58 -6.04 -8.84
C ILE A 48 -3.03 -7.45 -8.44
N ASP A 49 -2.67 -7.93 -7.26
CA ASP A 49 -3.12 -9.28 -6.79
C ASP A 49 -4.64 -9.30 -6.77
N GLU A 50 -5.29 -8.21 -6.37
CA GLU A 50 -6.75 -8.12 -6.26
C GLU A 50 -7.37 -8.11 -7.67
N ALA A 51 -6.65 -7.58 -8.67
CA ALA A 51 -7.06 -7.60 -10.09
C ALA A 51 -6.87 -9.03 -10.62
N LEU A 52 -5.73 -9.65 -10.35
CA LEU A 52 -5.41 -11.03 -10.81
C LEU A 52 -6.53 -11.96 -10.37
N ALA A 53 -6.97 -11.80 -9.12
CA ALA A 53 -8.00 -12.63 -8.45
C ALA A 53 -9.38 -12.39 -9.07
N GLY A 54 -9.53 -11.34 -9.89
CA GLY A 54 -10.73 -11.10 -10.72
C GLY A 54 -11.66 -9.99 -10.20
N HIS A 55 -11.28 -9.27 -9.16
CA HIS A 55 -12.18 -8.33 -8.42
C HIS A 55 -11.87 -6.89 -8.79
N CYS A 56 -10.61 -6.53 -8.92
CA CYS A 56 -10.17 -5.13 -9.21
C CYS A 56 -10.05 -4.91 -10.72
N LYS A 57 -10.69 -3.87 -11.27
CA LYS A 57 -10.65 -3.49 -12.72
C LYS A 57 -9.95 -2.13 -12.90
N GLU A 58 -9.81 -1.34 -11.84
CA GLU A 58 -9.08 -0.05 -11.93
C GLU A 58 -8.25 0.23 -10.69
N ILE A 59 -7.05 0.75 -10.92
CA ILE A 59 -6.07 1.13 -9.88
C ILE A 59 -5.68 2.59 -10.16
N ILE A 60 -5.76 3.42 -9.16
CA ILE A 60 -5.36 4.86 -9.29
C ILE A 60 -4.21 5.08 -8.32
N VAL A 61 -3.07 5.53 -8.84
CA VAL A 61 -1.87 5.85 -8.05
C VAL A 61 -1.74 7.39 -8.07
N THR A 62 -1.67 8.02 -6.90
CA THR A 62 -1.59 9.49 -6.80
C THR A 62 -0.33 9.86 -6.03
N ILE A 63 0.50 10.72 -6.61
CA ILE A 63 1.60 11.39 -5.90
C ILE A 63 1.01 12.71 -5.38
N HIS A 64 0.82 12.81 -4.06
CA HIS A 64 0.17 13.97 -3.40
C HIS A 64 1.19 15.10 -3.34
N ALA A 65 0.72 16.32 -3.12
CA ALA A 65 1.58 17.51 -3.16
C ALA A 65 2.65 17.43 -2.06
N ASP A 66 2.43 16.62 -1.02
CA ASP A 66 3.38 16.49 0.12
C ASP A 66 4.23 15.22 -0.02
N ASN A 67 4.23 14.59 -1.19
CA ASN A 67 5.07 13.42 -1.51
C ASN A 67 4.68 12.25 -0.61
N SER A 68 3.41 12.17 -0.23
CA SER A 68 2.75 10.91 0.13
C SER A 68 2.27 10.31 -1.18
N VAL A 69 2.03 9.02 -1.18
CA VAL A 69 1.44 8.37 -2.35
C VAL A 69 0.23 7.57 -1.89
N SER A 70 -0.86 7.65 -2.64
CA SER A 70 -2.05 6.81 -2.43
C SER A 70 -2.21 5.83 -3.58
N VAL A 71 -2.69 4.64 -3.24
CA VAL A 71 -3.12 3.64 -4.22
C VAL A 71 -4.58 3.32 -3.90
N GLN A 72 -5.50 3.54 -4.83
N GLN A 72 -5.47 3.56 -4.85
CA GLN A 72 -6.94 3.20 -4.66
CA GLN A 72 -6.90 3.21 -4.78
C GLN A 72 -7.32 2.11 -5.65
C GLN A 72 -7.14 2.00 -5.67
N ASP A 73 -7.85 0.97 -5.16
CA ASP A 73 -8.39 -0.08 -6.04
C ASP A 73 -9.91 -0.15 -5.88
N ASP A 74 -10.56 -0.85 -6.83
CA ASP A 74 -12.02 -1.10 -6.78
C ASP A 74 -12.31 -2.60 -6.61
N GLY A 75 -11.47 -3.31 -5.90
CA GLY A 75 -11.73 -4.73 -5.57
C GLY A 75 -12.61 -4.87 -4.35
N ARG A 76 -12.45 -5.98 -3.62
CA ARG A 76 -13.39 -6.41 -2.57
C ARG A 76 -13.34 -5.49 -1.35
N GLY A 77 -12.20 -4.82 -1.13
CA GLY A 77 -11.86 -4.16 0.14
C GLY A 77 -11.28 -5.16 1.12
N ILE A 78 -10.22 -4.79 1.81
CA ILE A 78 -9.59 -5.62 2.86
C ILE A 78 -10.66 -5.93 3.90
N PRO A 79 -10.81 -7.22 4.31
CA PRO A 79 -11.83 -7.60 5.28
C PRO A 79 -11.72 -6.77 6.56
N THR A 80 -12.87 -6.39 7.10
CA THR A 80 -12.98 -5.45 8.24
C THR A 80 -13.43 -6.17 9.51
N GLY A 81 -13.94 -7.41 9.41
CA GLY A 81 -14.46 -8.14 10.56
C GLY A 81 -13.36 -8.44 11.55
N ILE A 82 -13.74 -8.69 12.78
CA ILE A 82 -12.77 -8.99 13.86
C ILE A 82 -12.07 -10.33 13.54
N HIS A 83 -10.74 -10.30 13.60
CA HIS A 83 -9.88 -11.49 13.38
C HIS A 83 -10.03 -12.45 14.55
N PRO A 84 -10.39 -13.73 14.31
CA PRO A 84 -10.67 -14.64 15.41
C PRO A 84 -9.47 -14.80 16.36
N GLU A 85 -8.22 -14.78 15.87
CA GLU A 85 -7.04 -14.98 16.73
C GLU A 85 -6.65 -13.66 17.42
N GLU A 86 -6.53 -12.56 16.68
CA GLU A 86 -5.93 -11.29 17.20
C GLU A 86 -6.97 -10.44 17.93
N GLY A 87 -8.26 -10.58 17.61
CA GLY A 87 -9.34 -9.88 18.33
C GLY A 87 -9.40 -8.41 17.99
N VAL A 88 -8.82 -8.00 16.86
CA VAL A 88 -8.94 -6.65 16.25
C VAL A 88 -9.31 -6.88 14.79
N SER A 89 -9.66 -5.83 14.07
CA SER A 89 -10.07 -5.98 12.66
C SER A 89 -9.01 -6.76 11.88
N ALA A 90 -9.46 -7.57 10.93
CA ALA A 90 -8.58 -8.29 9.98
C ALA A 90 -7.67 -7.28 9.27
N ALA A 91 -8.21 -6.11 8.88
CA ALA A 91 -7.46 -5.02 8.23
C ALA A 91 -6.28 -4.61 9.11
N GLU A 92 -6.52 -4.38 10.40
CA GLU A 92 -5.45 -4.02 11.35
C GLU A 92 -4.43 -5.17 11.43
N VAL A 93 -4.87 -6.42 11.43
CA VAL A 93 -3.92 -7.56 11.49
C VAL A 93 -3.02 -7.53 10.25
N ILE A 94 -3.59 -7.37 9.06
CA ILE A 94 -2.74 -7.44 7.84
CA ILE A 94 -2.81 -7.37 7.78
C ILE A 94 -1.79 -6.23 7.84
N MET A 95 -2.18 -5.10 8.42
CA MET A 95 -1.37 -3.85 8.43
CA MET A 95 -1.33 -3.89 8.36
C MET A 95 -0.20 -3.97 9.42
N THR A 96 -0.35 -4.75 10.48
CA THR A 96 0.53 -4.66 11.68
C THR A 96 1.28 -5.94 12.03
N VAL A 97 0.85 -7.09 11.53
CA VAL A 97 1.48 -8.41 11.82
C VAL A 97 2.18 -8.85 10.53
N LEU A 98 3.50 -8.71 10.52
CA LEU A 98 4.33 -8.89 9.31
C LEU A 98 4.04 -10.24 8.66
N HIS A 99 4.04 -11.32 9.46
CA HIS A 99 3.91 -12.75 9.01
C HIS A 99 2.50 -13.01 8.45
N ALA A 100 1.49 -12.22 8.86
CA ALA A 100 0.07 -12.43 8.52
C ALA A 100 -0.14 -12.46 7.00
N GLY A 101 0.52 -11.56 6.27
CA GLY A 101 0.38 -11.45 4.81
C GLY A 101 1.04 -12.61 4.07
N GLY A 102 2.00 -13.29 4.72
CA GLY A 102 2.63 -14.53 4.23
C GLY A 102 3.75 -14.26 3.23
N LYS A 103 4.18 -13.01 3.11
CA LYS A 103 5.23 -12.61 2.16
C LYS A 103 6.56 -12.43 2.91
N PHE A 104 6.57 -11.69 4.01
CA PHE A 104 7.80 -11.35 4.79
C PHE A 104 7.75 -11.97 6.19
N ASP A 105 8.92 -12.18 6.79
CA ASP A 105 9.07 -12.56 8.21
C ASP A 105 10.23 -11.74 8.81
N ASP A 106 10.53 -11.95 10.08
CA ASP A 106 11.45 -11.07 10.85
C ASP A 106 12.88 -11.62 10.84
N ASN A 107 13.16 -12.61 10.00
CA ASN A 107 14.49 -13.25 9.94
C ASN A 107 15.50 -12.18 9.49
N SER A 108 16.59 -12.00 10.26
CA SER A 108 17.63 -10.97 10.03
C SER A 108 18.79 -11.54 9.19
N TYR A 109 18.65 -12.78 8.71
CA TYR A 109 19.72 -13.52 7.98
C TYR A 109 19.31 -13.76 6.52
N LYS A 110 18.14 -14.38 6.31
CA LYS A 110 17.65 -14.77 4.97
C LYS A 110 16.50 -13.84 4.59
N VAL A 111 16.52 -13.30 3.36
CA VAL A 111 15.48 -12.36 2.82
C VAL A 111 14.16 -13.11 2.64
N GLY A 114 8.94 -12.80 -0.89
CA GLY A 114 9.12 -13.86 -1.89
C GLY A 114 7.85 -14.17 -2.65
N LEU A 115 7.67 -13.54 -3.82
CA LEU A 115 6.70 -13.93 -4.89
C LEU A 115 5.27 -13.56 -4.49
N HIS A 116 4.70 -14.22 -3.46
CA HIS A 116 3.25 -14.18 -3.14
C HIS A 116 2.99 -13.60 -1.74
N GLY A 117 1.76 -13.14 -1.53
CA GLY A 117 1.28 -12.69 -0.21
C GLY A 117 1.25 -11.18 -0.13
N VAL A 118 0.72 -10.70 0.99
CA VAL A 118 0.48 -9.25 1.19
C VAL A 118 1.68 -8.68 1.94
N GLY A 119 2.27 -7.62 1.41
CA GLY A 119 3.52 -7.04 1.93
C GLY A 119 3.32 -5.64 2.49
N VAL A 120 2.09 -5.19 2.59
CA VAL A 120 1.77 -3.77 2.89
C VAL A 120 2.22 -3.42 4.31
N SER A 121 2.35 -4.41 5.20
CA SER A 121 2.85 -4.19 6.58
C SER A 121 4.25 -3.56 6.55
N VAL A 122 5.10 -3.89 5.58
CA VAL A 122 6.45 -3.27 5.46
C VAL A 122 6.27 -1.78 5.14
N VAL A 123 5.35 -1.43 4.27
CA VAL A 123 5.11 -0.02 3.92
C VAL A 123 4.62 0.73 5.18
N ASN A 124 3.74 0.08 5.91
CA ASN A 124 3.18 0.63 7.15
C ASN A 124 4.31 0.91 8.14
N ALA A 125 5.17 -0.07 8.38
CA ALA A 125 6.30 0.04 9.32
C ALA A 125 7.18 1.25 8.98
N LEU A 126 7.42 1.50 7.69
CA LEU A 126 8.41 2.50 7.23
C LEU A 126 7.71 3.80 6.83
N SER A 127 6.44 3.99 7.22
CA SER A 127 5.68 5.24 6.96
C SER A 127 5.46 6.00 8.27
N GLN A 128 5.84 7.28 8.34
CA GLN A 128 5.59 8.09 9.55
C GLN A 128 4.08 8.24 9.72
N LYS A 129 3.31 8.14 8.64
CA LYS A 129 1.84 8.04 8.71
C LYS A 129 1.33 7.13 7.60
N LEU A 130 0.26 6.40 7.88
CA LEU A 130 -0.49 5.65 6.85
C LEU A 130 -1.98 5.78 7.11
N GLU A 131 -2.71 6.04 6.03
CA GLU A 131 -4.19 6.12 6.06
C GLU A 131 -4.75 4.95 5.25
N LEU A 132 -5.63 4.19 5.87
CA LEU A 132 -6.32 3.06 5.23
C LEU A 132 -7.81 3.39 5.19
N VAL A 133 -8.37 3.41 3.99
CA VAL A 133 -9.81 3.52 3.78
C VAL A 133 -10.27 2.29 3.00
N ILE A 134 -11.30 1.63 3.52
CA ILE A 134 -11.89 0.40 2.94
C ILE A 134 -13.38 0.62 2.71
N GLN A 135 -13.81 0.38 1.47
CA GLN A 135 -15.24 0.37 1.11
C GLN A 135 -15.66 -1.08 0.96
N ARG A 136 -16.58 -1.54 1.82
CA ARG A 136 -16.95 -2.97 1.90
C ARG A 136 -18.29 -3.10 2.61
N GLU A 137 -19.19 -3.95 2.10
CA GLU A 137 -20.46 -4.32 2.78
C GLU A 137 -21.24 -3.04 3.12
N GLY A 138 -21.25 -2.09 2.19
CA GLY A 138 -22.09 -0.88 2.26
C GLY A 138 -21.54 0.21 3.18
N LYS A 139 -20.32 0.04 3.70
N LYS A 139 -20.32 0.04 3.69
CA LYS A 139 -19.72 0.97 4.71
CA LYS A 139 -19.70 0.94 4.71
C LYS A 139 -18.31 1.41 4.27
C LYS A 139 -18.31 1.40 4.26
N ILE A 140 -17.96 2.64 4.62
CA ILE A 140 -16.57 3.14 4.51
C ILE A 140 -15.96 2.95 5.89
N HIS A 141 -14.74 2.44 5.93
CA HIS A 141 -13.98 2.19 7.17
C HIS A 141 -12.66 2.93 7.06
N ARG A 142 -12.17 3.51 8.15
CA ARG A 142 -10.90 4.25 8.12
C ARG A 142 -10.07 3.87 9.34
N GLN A 143 -8.78 3.72 9.11
CA GLN A 143 -7.80 3.62 10.20
C GLN A 143 -6.54 4.43 9.86
N ILE A 144 -5.95 5.00 10.90
CA ILE A 144 -4.67 5.74 10.77
C ILE A 144 -3.58 5.04 11.58
N TYR A 145 -2.38 4.98 11.02
CA TYR A 145 -1.18 4.44 11.70
C TYR A 145 -0.09 5.49 11.64
N GLU A 146 0.82 5.45 12.60
CA GLU A 146 2.05 6.26 12.58
C GLU A 146 3.18 5.30 12.93
N HIS A 147 4.17 5.21 12.05
CA HIS A 147 5.30 4.26 12.18
C HIS A 147 4.73 2.87 12.40
N GLY A 148 3.63 2.51 11.75
CA GLY A 148 3.06 1.14 11.83
C GLY A 148 2.16 0.94 13.03
N VAL A 149 2.06 1.91 13.95
CA VAL A 149 1.23 1.76 15.19
C VAL A 149 -0.15 2.35 14.92
N PRO A 150 -1.25 1.56 15.01
CA PRO A 150 -2.59 2.12 14.83
C PRO A 150 -2.89 3.16 15.92
N GLN A 151 -3.54 4.25 15.54
CA GLN A 151 -3.85 5.40 16.43
C GLN A 151 -5.27 5.28 17.01
N ALA A 152 -6.08 4.37 16.46
CA ALA A 152 -7.49 4.08 16.86
C ALA A 152 -7.91 2.83 16.11
N PRO A 153 -8.97 2.14 16.58
CA PRO A 153 -9.46 0.98 15.88
C PRO A 153 -10.06 1.43 14.56
N LEU A 154 -10.06 0.51 13.60
CA LEU A 154 -10.74 0.68 12.30
C LEU A 154 -12.16 1.13 12.60
N ALA A 155 -12.61 2.23 12.02
CA ALA A 155 -13.93 2.83 12.36
C ALA A 155 -14.74 3.04 11.08
N VAL A 156 -16.05 2.90 11.19
CA VAL A 156 -16.99 3.23 10.10
C VAL A 156 -17.06 4.74 10.00
N THR A 157 -16.92 5.30 8.79
CA THR A 157 -16.95 6.77 8.55
C THR A 157 -18.21 7.13 7.74
N GLY A 158 -18.93 6.15 7.21
CA GLY A 158 -20.06 6.49 6.32
C GLY A 158 -20.54 5.29 5.52
N GLU A 159 -21.47 5.55 4.60
CA GLU A 159 -22.12 4.53 3.74
C GLU A 159 -21.56 4.68 2.33
N THR A 160 -21.60 3.60 1.57
CA THR A 160 -21.10 3.58 0.19
C THR A 160 -21.83 2.46 -0.56
N GLU A 161 -21.93 2.57 -1.87
CA GLU A 161 -22.40 1.48 -2.73
C GLU A 161 -21.22 0.88 -3.47
N LYS A 162 -20.00 1.32 -3.20
CA LYS A 162 -18.79 0.80 -3.89
C LYS A 162 -18.00 -0.10 -2.96
N THR A 163 -17.01 -0.78 -3.52
CA THR A 163 -16.03 -1.56 -2.76
C THR A 163 -14.62 -1.21 -3.25
N GLY A 164 -13.64 -1.43 -2.38
CA GLY A 164 -12.23 -1.24 -2.72
C GLY A 164 -11.43 -0.81 -1.52
N THR A 165 -10.14 -0.64 -1.74
CA THR A 165 -9.13 -0.32 -0.72
C THR A 165 -8.33 0.89 -1.21
N MET A 166 -8.11 1.84 -0.30
CA MET A 166 -7.23 3.00 -0.52
C MET A 166 -6.17 2.97 0.58
N VAL A 167 -4.90 2.95 0.19
CA VAL A 167 -3.77 3.12 1.14
C VAL A 167 -3.06 4.41 0.74
N ARG A 168 -2.95 5.33 1.69
CA ARG A 168 -2.11 6.56 1.46
C ARG A 168 -0.98 6.52 2.50
N PHE A 169 0.26 6.64 2.06
CA PHE A 169 1.39 6.51 3.01
C PHE A 169 2.31 7.70 2.83
N TRP A 170 2.87 8.11 3.96
CA TRP A 170 3.87 9.19 4.11
C TRP A 170 5.17 8.52 4.53
N PRO A 171 6.12 8.33 3.59
CA PRO A 171 7.39 7.68 3.91
C PRO A 171 8.06 8.36 5.09
N SER A 172 8.64 7.54 5.97
CA SER A 172 9.33 8.00 7.20
C SER A 172 10.62 8.73 6.84
N LEU A 173 10.76 9.97 7.28
CA LEU A 173 11.95 10.78 6.95
C LEU A 173 13.07 10.43 7.92
N GLU A 174 12.75 9.61 8.93
CA GLU A 174 13.72 8.90 9.81
C GLU A 174 14.33 7.70 9.08
N THR A 175 13.66 7.11 8.08
CA THR A 175 14.16 5.94 7.30
C THR A 175 14.79 6.43 6.00
N PHE A 176 14.05 7.23 5.24
CA PHE A 176 14.40 7.64 3.86
C PHE A 176 15.12 8.99 3.92
N THR A 177 16.34 8.97 3.46
CA THR A 177 17.28 10.12 3.48
C THR A 177 17.66 10.44 2.04
N ASN A 178 18.05 11.70 1.80
CA ASN A 178 18.59 12.16 0.51
C ASN A 178 17.47 12.25 -0.53
N VAL A 179 17.05 11.13 -1.12
CA VAL A 179 15.90 11.07 -2.07
C VAL A 179 14.63 10.82 -1.25
N THR A 180 13.81 11.86 -1.09
CA THR A 180 12.57 11.83 -0.29
C THR A 180 11.40 12.21 -1.18
N GLU A 181 11.66 12.58 -2.44
CA GLU A 181 10.61 13.02 -3.39
C GLU A 181 10.49 11.96 -4.48
N PHE A 182 9.25 11.65 -4.88
CA PHE A 182 8.98 10.60 -5.91
C PHE A 182 9.35 11.12 -7.30
N GLU A 183 9.89 10.22 -8.08
CA GLU A 183 10.18 10.48 -9.50
C GLU A 183 9.01 9.88 -10.30
N TYR A 184 8.22 10.75 -10.92
CA TYR A 184 7.05 10.33 -11.73
C TYR A 184 7.44 9.21 -12.69
N GLU A 185 8.51 9.43 -13.45
CA GLU A 185 8.91 8.50 -14.53
C GLU A 185 9.17 7.09 -14.00
N ILE A 186 9.72 6.95 -12.81
CA ILE A 186 10.06 5.63 -12.23
C ILE A 186 8.74 4.90 -11.99
N LEU A 187 7.76 5.59 -11.43
CA LEU A 187 6.45 4.99 -11.11
C LEU A 187 5.73 4.69 -12.44
N ALA A 188 5.77 5.63 -13.37
CA ALA A 188 5.10 5.48 -14.68
C ALA A 188 5.62 4.22 -15.40
N LYS A 189 6.92 4.01 -15.38
CA LYS A 189 7.48 2.85 -16.12
C LYS A 189 6.89 1.57 -15.52
N ARG A 190 6.91 1.42 -14.21
CA ARG A 190 6.42 0.17 -13.58
C ARG A 190 4.92 0.01 -13.89
N LEU A 191 4.15 1.09 -13.85
CA LEU A 191 2.69 0.99 -14.13
C LEU A 191 2.44 0.67 -15.62
N ARG A 192 3.27 1.15 -16.55
CA ARG A 192 3.13 0.74 -17.99
C ARG A 192 3.35 -0.79 -18.11
N GLU A 193 4.38 -1.30 -17.45
CA GLU A 193 4.73 -2.75 -17.45
C GLU A 193 3.52 -3.50 -16.91
N LEU A 194 3.00 -3.05 -15.77
CA LEU A 194 1.92 -3.79 -15.05
C LEU A 194 0.63 -3.76 -15.86
N SER A 195 0.37 -2.66 -16.55
CA SER A 195 -0.80 -2.48 -17.44
C SER A 195 -0.68 -3.44 -18.64
N PHE A 196 0.52 -3.58 -19.19
CA PHE A 196 0.71 -4.44 -20.37
C PHE A 196 0.45 -5.90 -19.94
N LEU A 197 0.99 -6.30 -18.80
CA LEU A 197 0.95 -7.70 -18.30
C LEU A 197 -0.45 -8.03 -17.78
N ASN A 198 -1.13 -7.06 -17.16
CA ASN A 198 -2.46 -7.22 -16.53
C ASN A 198 -3.46 -6.48 -17.43
N SER A 199 -3.72 -7.07 -18.60
CA SER A 199 -4.40 -6.41 -19.74
C SER A 199 -5.86 -6.09 -19.40
N GLY A 200 -6.41 -6.66 -18.32
CA GLY A 200 -7.79 -6.45 -17.86
C GLY A 200 -7.92 -5.23 -16.95
N VAL A 201 -6.82 -4.65 -16.49
CA VAL A 201 -6.84 -3.57 -15.46
C VAL A 201 -6.54 -2.21 -16.12
N SER A 202 -7.24 -1.19 -15.68
CA SER A 202 -6.95 0.22 -16.04
C SER A 202 -6.12 0.81 -14.90
N ILE A 203 -4.97 1.41 -15.21
CA ILE A 203 -4.08 2.01 -14.17
C ILE A 203 -3.93 3.50 -14.48
N ARG A 204 -4.24 4.32 -13.49
CA ARG A 204 -4.11 5.80 -13.63
C ARG A 204 -2.98 6.26 -12.71
N LEU A 205 -2.18 7.22 -13.16
CA LEU A 205 -1.10 7.84 -12.37
C LEU A 205 -1.35 9.34 -12.36
N ARG A 206 -1.42 9.94 -11.17
CA ARG A 206 -1.76 11.36 -11.01
C ARG A 206 -0.70 11.98 -10.12
N ASP A 207 -0.13 13.09 -10.58
CA ASP A 207 0.89 13.83 -9.82
C ASP A 207 0.27 15.18 -9.44
N LYS A 208 -0.11 15.32 -8.17
N LYS A 208 -0.13 15.35 -8.19
CA LYS A 208 -0.74 16.55 -7.61
CA LYS A 208 -0.77 16.62 -7.76
C LYS A 208 0.33 17.61 -7.34
C LYS A 208 0.33 17.68 -7.57
N ARG A 209 1.61 17.28 -7.57
CA ARG A 209 2.70 18.29 -7.43
C ARG A 209 2.72 19.19 -8.64
N ASP A 210 2.44 18.67 -9.84
CA ASP A 210 2.56 19.47 -11.08
C ASP A 210 1.41 19.22 -12.05
N GLY A 211 0.41 18.43 -11.70
CA GLY A 211 -0.80 18.29 -12.52
C GLY A 211 -0.68 17.23 -13.61
N LYS A 212 0.47 16.57 -13.72
CA LYS A 212 0.72 15.52 -14.73
C LYS A 212 -0.20 14.33 -14.44
N GLU A 213 -0.74 13.70 -15.49
CA GLU A 213 -1.63 12.50 -15.34
C GLU A 213 -1.44 11.59 -16.53
N ASP A 214 -1.59 10.29 -16.33
CA ASP A 214 -1.54 9.27 -17.41
C ASP A 214 -2.58 8.20 -17.12
N HIS A 215 -3.02 7.52 -18.18
CA HIS A 215 -3.94 6.38 -18.14
C HIS A 215 -3.32 5.25 -18.95
N PHE A 216 -3.02 4.14 -18.28
CA PHE A 216 -2.45 2.92 -18.92
C PHE A 216 -3.53 1.85 -18.93
N HIS A 217 -3.84 1.32 -20.11
CA HIS A 217 -4.81 0.21 -20.29
C HIS A 217 -4.49 -0.51 -21.60
N TYR A 218 -4.25 -1.82 -21.56
CA TYR A 218 -3.91 -2.59 -22.78
C TYR A 218 -5.01 -2.39 -23.83
N GLU A 219 -4.64 -1.99 -25.06
CA GLU A 219 -5.55 -1.81 -26.23
C GLU A 219 -5.37 -2.99 -27.20
N1 4QR B . -7.04 -8.89 0.20
N3 4QR B . -5.49 -3.57 -1.91
C4 4QR B . -8.30 -10.81 1.10
C5 4QR B . -8.21 -9.59 0.45
C6 4QR B . -9.38 -8.94 0.06
C7 4QR B . -7.33 -7.76 -0.37
C8 4QR B . -12.06 -11.37 1.15
C10 4QR B . -5.04 -11.86 2.37
C13 4QR B . -2.76 -13.43 2.38
C15 4QR B . -4.45 -12.26 1.17
C17 4QR B . -6.53 -5.70 -1.29
C20 4QR B . -3.69 -3.39 -0.69
C21 4QR B . -4.43 -2.77 -1.62
C22 4QR B . -4.22 -1.44 -2.24
C1 4QR B . -10.63 -9.51 0.26
C2 4QR B . -10.70 -10.75 0.89
C3 4QR B . -9.54 -11.39 1.31
S1 4QR B . -9.01 -7.40 -0.67
O1 4QR B . -13.08 -10.67 0.85
O2 4QR B . -12.09 -12.50 1.72
O3 4QR B . -7.19 -11.51 1.45
C9 4QR B . -6.24 -10.97 2.34
C11 4QR B . -4.46 -12.21 3.58
C12 4QR B . -3.32 -13.02 3.58
C14 4QR B . -3.31 -13.07 1.16
C16 4QR B . -2.66 -13.47 -0.14
O4 4QR B . -1.73 -14.30 -0.09
O5 4QR B . -3.01 -12.86 -1.19
N2 4QR B . -6.32 -6.92 -0.76
C18 4QR B . -5.43 -4.72 -1.16
C19 4QR B . -4.29 -4.61 -0.37
O6 4QR B . -7.57 -5.41 -1.87
CL1 4QR B . -3.67 -5.71 0.77
CL2 4QR B . -2.29 -2.74 0.03
C TRS C . -17.15 -3.02 -7.44
C1 TRS C . -16.17 -4.09 -7.91
C2 TRS C . -16.47 -1.70 -7.10
C3 TRS C . -18.20 -2.79 -8.54
N TRS C . -17.86 -3.50 -6.20
O1 TRS C . -15.37 -4.65 -6.88
O2 TRS C . -17.37 -0.71 -6.60
O3 TRS C . -19.12 -3.87 -8.64
MG MG D . 10.92 -15.16 13.19
#